data_8TAT
#
_entry.id   8TAT
#
_cell.length_a   60.390
_cell.length_b   60.390
_cell.length_c   95.430
_cell.angle_alpha   90.00
_cell.angle_beta   90.00
_cell.angle_gamma   120.00
#
_symmetry.space_group_name_H-M   'P 32 2 1'
#
loop_
_entity.id
_entity.type
_entity.pdbx_description
1 polymer Endolysin
2 non-polymer 'methyl 4-fluoro-1-hydroxy-2,2,5,5-tetramethyl-2,5-dihydro-1H-pyrrole-3-carboxylate, radical'
3 water water
#
_entity_poly.entity_id   1
_entity_poly.type   'polypeptide(L)'
_entity_poly.pdbx_seq_one_letter_code
;MNIFEMLRIDEGLRLKIYKDTEGYYTIGIGHLLTKSPSLNAAKSELDKAIGRNTNGVITKDEAECLFNQDVDAAVCGILR
NAKLKPVYDSLDAVRRAALINMVFQMGETGVAGFTNSLRMLQQKRWDEAAVNLAKSRWYNQTPNRAKRVITTFRTGTWDA
YK
;
_entity_poly.pdbx_strand_id   A
#
# COMPACT_ATOMS: atom_id res chain seq x y z
N MET A 1 12.01 0.44 -12.73
CA MET A 1 10.87 0.44 -11.81
C MET A 1 11.19 -0.37 -10.57
N ASN A 2 10.59 0.01 -9.44
CA ASN A 2 10.79 -0.64 -8.15
C ASN A 2 9.61 -0.24 -7.27
N ILE A 3 9.58 -0.77 -6.05
CA ILE A 3 8.41 -0.57 -5.18
C ILE A 3 8.20 0.91 -4.87
N PHE A 4 9.29 1.68 -4.72
CA PHE A 4 9.12 3.10 -4.43
C PHE A 4 8.48 3.82 -5.61
N GLU A 5 8.97 3.57 -6.82
CA GLU A 5 8.41 4.24 -7.99
C GLU A 5 6.98 3.81 -8.23
N MET A 6 6.70 2.53 -7.98
CA MET A 6 5.36 1.95 -8.10
C MET A 6 4.36 2.62 -7.17
N LEU A 7 4.68 2.70 -5.89
CA LEU A 7 3.75 3.31 -4.95
C LEU A 7 3.67 4.82 -5.14
N ARG A 8 4.74 5.45 -5.62
CA ARG A 8 4.66 6.89 -5.91
C ARG A 8 3.64 7.16 -7.01
N ILE A 9 3.59 6.27 -8.02
CA ILE A 9 2.56 6.40 -9.04
C ILE A 9 1.18 6.19 -8.44
N ASP A 10 1.02 5.14 -7.62
CA ASP A 10 -0.31 4.80 -7.13
C ASP A 10 -0.82 5.78 -6.09
N GLU A 11 0.07 6.42 -5.33
CA GLU A 11 -0.36 7.24 -4.20
C GLU A 11 -0.31 8.74 -4.46
N GLY A 12 0.49 9.18 -5.42
CA GLY A 12 0.66 10.61 -5.63
C GLY A 12 1.55 11.26 -4.59
N LEU A 13 1.61 12.59 -4.65
CA LEU A 13 2.39 13.39 -3.71
C LEU A 13 1.62 14.67 -3.44
N ARG A 14 1.18 14.85 -2.20
CA ARG A 14 0.47 16.05 -1.79
C ARG A 14 1.06 16.52 -0.48
N LEU A 15 1.35 17.81 -0.37
CA LEU A 15 2.10 18.32 0.77
C LEU A 15 1.22 18.91 1.86
N LYS A 16 -0.09 18.98 1.66
CA LYS A 16 -1.05 19.41 2.67
C LYS A 16 -1.97 18.25 3.01
N ILE A 17 -2.46 18.22 4.24
CA ILE A 17 -3.39 17.19 4.67
C ILE A 17 -4.57 17.15 3.71
N TYR A 18 -4.87 15.95 3.20
CA TYR A 18 -6.00 15.73 2.31
C TYR A 18 -6.74 14.48 2.75
N LYS A 19 -7.92 14.27 2.18
CA LYS A 19 -8.66 13.03 2.42
C LYS A 19 -8.40 12.02 1.32
N ASP A 20 -8.10 10.78 1.72
CA ASP A 20 -7.77 9.71 0.79
C ASP A 20 -9.07 9.17 0.17
N THR A 21 -8.96 8.06 -0.57
CA THR A 21 -10.12 7.56 -1.30
C THR A 21 -11.20 7.07 -0.36
N GLU A 22 -10.84 6.73 0.87
CA GLU A 22 -11.77 6.32 1.91
C GLU A 22 -12.30 7.48 2.75
N GLY A 23 -11.84 8.70 2.47
CA GLY A 23 -12.23 9.84 3.26
C GLY A 23 -11.37 10.10 4.47
N TYR A 24 -10.22 9.44 4.59
CA TYR A 24 -9.40 9.53 5.79
C TYR A 24 -8.26 10.51 5.58
N TYR A 25 -7.94 11.28 6.63
CA TYR A 25 -6.87 12.26 6.56
C TYR A 25 -5.53 11.59 6.30
N THR A 26 -4.81 12.12 5.33
CA THR A 26 -3.61 11.55 4.73
C THR A 26 -2.70 12.72 4.35
N ILE A 27 -1.41 12.45 4.17
CA ILE A 27 -0.49 13.47 3.65
C ILE A 27 0.65 12.78 2.92
N GLY A 28 1.34 13.55 2.08
CA GLY A 28 2.58 13.06 1.49
C GLY A 28 2.30 12.06 0.37
N ILE A 29 2.99 10.93 0.42
CA ILE A 29 2.82 9.84 -0.54
C ILE A 29 1.98 8.75 0.15
N GLY A 30 0.69 9.01 0.30
CA GLY A 30 -0.20 8.03 0.91
C GLY A 30 0.08 7.72 2.37
N HIS A 31 0.57 8.69 3.14
CA HIS A 31 0.76 8.46 4.58
C HIS A 31 -0.56 8.69 5.32
N LEU A 32 -1.24 7.61 5.68
CA LEU A 32 -2.48 7.70 6.44
C LEU A 32 -2.20 8.27 7.83
N LEU A 33 -2.91 9.32 8.21
CA LEU A 33 -2.68 9.91 9.53
C LEU A 33 -3.61 9.32 10.58
N THR A 34 -4.87 9.13 10.25
CA THR A 34 -5.86 8.66 11.20
C THR A 34 -7.15 8.40 10.47
N LYS A 35 -7.96 7.50 11.02
CA LYS A 35 -9.30 7.33 10.52
C LYS A 35 -10.31 8.18 11.27
N SER A 36 -9.86 9.00 12.22
CA SER A 36 -10.75 9.84 12.98
C SER A 36 -11.25 11.01 12.12
N PRO A 37 -12.50 11.44 12.28
CA PRO A 37 -12.98 12.58 11.49
C PRO A 37 -12.46 13.91 11.99
N SER A 38 -11.62 13.93 13.02
CA SER A 38 -11.13 15.17 13.61
C SER A 38 -9.86 15.60 12.90
N LEU A 39 -9.89 16.79 12.27
CA LEU A 39 -8.69 17.30 11.64
C LEU A 39 -7.61 17.63 12.68
N ASN A 40 -8.00 18.07 13.88
CA ASN A 40 -6.98 18.27 14.91
C ASN A 40 -6.31 16.95 15.30
N ALA A 41 -7.06 15.85 15.34
CA ALA A 41 -6.45 14.55 15.62
C ALA A 41 -5.44 14.19 14.54
N ALA A 42 -5.78 14.47 13.28
CA ALA A 42 -4.85 14.19 12.19
C ALA A 42 -3.62 15.07 12.28
N LYS A 43 -3.81 16.33 12.65
CA LYS A 43 -2.68 17.24 12.77
C LYS A 43 -1.75 16.81 13.91
N SER A 44 -2.33 16.31 15.02
CA SER A 44 -1.50 15.79 16.11
C SER A 44 -0.69 14.59 15.66
N GLU A 45 -1.32 13.66 14.93
CA GLU A 45 -0.60 12.53 14.34
C GLU A 45 0.55 13.01 13.45
N LEU A 46 0.30 14.02 12.62
CA LEU A 46 1.34 14.54 11.73
C LEU A 46 2.50 15.11 12.51
N ASP A 47 2.21 15.92 13.53
CA ASP A 47 3.27 16.52 14.33
C ASP A 47 4.13 15.45 15.00
N LYS A 48 3.48 14.39 15.48
CA LYS A 48 4.19 13.27 16.12
C LYS A 48 5.07 12.53 15.12
N ALA A 49 4.59 12.41 13.88
CA ALA A 49 5.35 11.68 12.87
C ALA A 49 6.56 12.48 12.41
N ILE A 50 6.43 13.81 12.34
CA ILE A 50 7.50 14.65 11.82
C ILE A 50 8.41 15.15 12.93
N GLY A 51 7.90 15.29 14.15
CA GLY A 51 8.71 15.82 15.24
C GLY A 51 8.76 17.32 15.34
N ARG A 52 7.78 18.02 14.76
CA ARG A 52 7.68 19.46 14.85
C ARG A 52 6.22 19.85 14.67
N ASN A 53 5.91 21.08 15.04
CA ASN A 53 4.56 21.63 14.90
C ASN A 53 4.37 22.03 13.44
N THR A 54 3.58 21.26 12.69
CA THR A 54 3.48 21.40 11.24
C THR A 54 2.27 22.22 10.75
N ASN A 55 1.20 22.32 11.55
CA ASN A 55 -0.04 22.94 11.08
C ASN A 55 -0.52 22.37 9.74
N GLY A 56 -0.23 21.09 9.48
CA GLY A 56 -0.83 20.40 8.36
C GLY A 56 -0.14 20.53 7.02
N VAL A 57 1.08 21.07 6.97
CA VAL A 57 1.82 21.17 5.72
C VAL A 57 3.23 20.64 5.95
N ILE A 58 3.75 19.87 4.99
CA ILE A 58 5.10 19.35 5.07
C ILE A 58 5.85 19.66 3.78
N THR A 59 7.15 19.41 3.80
CA THR A 59 7.95 19.58 2.60
C THR A 59 8.04 18.28 1.83
N LYS A 60 8.51 18.37 0.57
CA LYS A 60 8.68 17.17 -0.24
C LYS A 60 9.69 16.22 0.38
N ASP A 61 10.78 16.77 0.92
CA ASP A 61 11.76 15.93 1.59
C ASP A 61 11.15 15.21 2.78
N GLU A 62 10.26 15.89 3.53
CA GLU A 62 9.59 15.24 4.64
C GLU A 62 8.63 14.16 4.15
N ALA A 63 7.90 14.44 3.06
CA ALA A 63 7.01 13.43 2.52
C ALA A 63 7.78 12.18 2.10
N GLU A 64 8.95 12.36 1.49
CA GLU A 64 9.72 11.20 1.03
C GLU A 64 10.29 10.45 2.22
N CYS A 65 10.64 11.19 3.29
CA CYS A 65 11.11 10.57 4.51
C CYS A 65 10.06 9.63 5.12
N LEU A 66 8.81 10.13 5.24
CA LEU A 66 7.72 9.30 5.76
C LEU A 66 7.49 8.11 4.83
N PHE A 67 7.57 8.36 3.52
CA PHE A 67 7.30 7.29 2.56
C PHE A 67 8.29 6.16 2.73
N ASN A 68 9.58 6.49 2.90
CA ASN A 68 10.59 5.45 3.08
C ASN A 68 10.30 4.63 4.32
N GLN A 69 9.90 5.27 5.42
CA GLN A 69 9.55 4.55 6.63
C GLN A 69 8.31 3.68 6.40
N ASP A 70 7.35 4.17 5.61
CA ASP A 70 6.12 3.43 5.41
C ASP A 70 6.35 2.19 4.55
N VAL A 71 7.21 2.30 3.53
CA VAL A 71 7.55 1.12 2.74
C VAL A 71 8.24 0.08 3.60
N ASP A 72 9.20 0.52 4.43
CA ASP A 72 9.85 -0.36 5.40
C ASP A 72 8.86 -1.04 6.33
N ALA A 73 7.89 -0.27 6.85
CA ALA A 73 6.91 -0.85 7.75
C ALA A 73 6.05 -1.89 7.06
N ALA A 74 5.75 -1.68 5.78
CA ALA A 74 4.98 -2.67 5.03
C ALA A 74 5.76 -3.97 4.90
N VAL A 75 7.03 -3.88 4.53
CA VAL A 75 7.86 -5.08 4.46
C VAL A 75 7.94 -5.78 5.82
N CYS A 76 8.15 -4.99 6.89
CA CYS A 76 8.30 -5.55 8.22
C CYS A 76 7.05 -6.33 8.61
N GLY A 77 5.88 -5.74 8.30
CA GLY A 77 4.59 -6.35 8.57
C GLY A 77 4.42 -7.68 7.86
N ILE A 78 4.82 -7.70 6.60
CA ILE A 78 4.80 -8.96 5.83
C ILE A 78 5.67 -10.02 6.48
N LEU A 79 6.91 -9.66 6.81
CA LEU A 79 7.85 -10.66 7.29
C LEU A 79 7.50 -11.19 8.68
N ARG A 80 6.75 -10.44 9.48
CA ARG A 80 6.35 -10.91 10.81
C ARG A 80 5.03 -11.68 10.78
N ASN A 81 4.29 -11.62 9.69
CA ASN A 81 2.98 -12.25 9.59
C ASN A 81 3.09 -13.70 9.14
N ALA A 82 2.51 -14.61 9.94
CA ALA A 82 2.61 -16.04 9.63
C ALA A 82 1.88 -16.42 8.36
N LYS A 83 0.92 -15.59 7.93
CA LYS A 83 0.17 -15.84 6.71
C LYS A 83 0.87 -15.23 5.50
N LEU A 84 1.48 -14.05 5.66
CA LEU A 84 2.03 -13.37 4.50
C LEU A 84 3.46 -13.77 4.21
N LYS A 85 4.27 -14.07 5.23
CA LYS A 85 5.69 -14.33 4.99
C LYS A 85 5.91 -15.51 4.05
N PRO A 86 5.25 -16.67 4.21
CA PRO A 86 5.46 -17.77 3.25
C PRO A 86 5.16 -17.38 1.82
N VAL A 87 4.10 -16.59 1.60
CA VAL A 87 3.77 -16.20 0.24
C VAL A 87 4.85 -15.28 -0.30
N TYR A 88 5.20 -14.26 0.47
CA TYR A 88 6.28 -13.33 0.09
C TYR A 88 7.56 -14.08 -0.24
N ASP A 89 7.97 -15.01 0.63
CA ASP A 89 9.21 -15.74 0.39
C ASP A 89 9.16 -16.50 -0.92
N SER A 90 7.97 -16.91 -1.36
CA SER A 90 7.85 -17.74 -2.54
C SER A 90 7.86 -16.94 -3.83
N LEU A 91 7.74 -15.62 -3.76
CA LEU A 91 7.53 -14.79 -4.93
C LEU A 91 8.84 -14.26 -5.49
N ASP A 92 8.81 -13.96 -6.79
CA ASP A 92 9.87 -13.17 -7.41
C ASP A 92 9.78 -11.71 -6.99
N ALA A 93 10.83 -10.94 -7.30
CA ALA A 93 10.95 -9.57 -6.78
C ALA A 93 9.82 -8.66 -7.26
N VAL A 94 9.37 -8.82 -8.51
CA VAL A 94 8.30 -7.96 -9.00
C VAL A 94 6.99 -8.26 -8.28
N ARG A 95 6.67 -9.54 -8.11
CA ARG A 95 5.42 -9.86 -7.43
C ARG A 95 5.52 -9.55 -5.95
N ARG A 96 6.72 -9.63 -5.36
CA ARG A 96 6.92 -9.15 -4.00
C ARG A 96 6.48 -7.69 -3.88
N ALA A 97 6.84 -6.87 -4.87
CA ALA A 97 6.45 -5.46 -4.82
C ALA A 97 4.94 -5.31 -4.87
N ALA A 98 4.25 -6.17 -5.63
CA ALA A 98 2.79 -6.10 -5.67
C ALA A 98 2.19 -6.40 -4.30
N LEU A 99 2.75 -7.38 -3.57
CA LEU A 99 2.24 -7.66 -2.24
C LEU A 99 2.52 -6.51 -1.27
N ILE A 100 3.72 -5.91 -1.34
CA ILE A 100 4.01 -4.73 -0.52
C ILE A 100 3.01 -3.62 -0.84
N ASN A 101 2.70 -3.41 -2.13
CA ASN A 101 1.73 -2.39 -2.52
C ASN A 101 0.40 -2.60 -1.82
N MET A 102 -0.12 -3.85 -1.84
CA MET A 102 -1.38 -4.12 -1.17
C MET A 102 -1.30 -3.86 0.33
N VAL A 103 -0.21 -4.29 0.97
CA VAL A 103 -0.08 -4.05 2.42
C VAL A 103 0.01 -2.56 2.72
N PHE A 104 0.70 -1.81 1.87
CA PHE A 104 0.76 -0.36 2.05
C PHE A 104 -0.63 0.26 2.01
N GLN A 105 -1.49 -0.22 1.11
CA GLN A 105 -2.81 0.38 0.94
C GLN A 105 -3.80 -0.08 2.02
N MET A 106 -3.80 -1.37 2.37
CA MET A 106 -4.86 -1.91 3.20
CA MET A 106 -4.83 -2.04 3.15
C MET A 106 -4.40 -2.42 4.55
N GLY A 107 -3.11 -2.52 4.80
CA GLY A 107 -2.61 -2.99 6.08
C GLY A 107 -2.34 -4.49 6.07
N GLU A 108 -1.48 -4.88 7.00
CA GLU A 108 -1.05 -6.27 7.14
C GLU A 108 -2.23 -7.21 7.39
N THR A 109 -3.08 -6.87 8.37
CA THR A 109 -4.18 -7.75 8.71
C THR A 109 -5.16 -7.90 7.55
N GLY A 110 -5.39 -6.81 6.80
CA GLY A 110 -6.32 -6.87 5.70
C GLY A 110 -5.87 -7.80 4.60
N VAL A 111 -4.62 -7.69 4.19
CA VAL A 111 -4.10 -8.55 3.13
C VAL A 111 -4.00 -9.99 3.62
N ALA A 112 -3.63 -10.19 4.89
CA ALA A 112 -3.49 -11.55 5.41
C ALA A 112 -4.82 -12.29 5.40
N GLY A 113 -5.94 -11.55 5.32
CA GLY A 113 -7.26 -12.15 5.22
C GLY A 113 -7.64 -12.67 3.85
N PHE A 114 -6.85 -12.35 2.80
CA PHE A 114 -7.11 -12.83 1.44
C PHE A 114 -6.66 -14.29 1.30
N THR A 115 -7.22 -15.17 2.13
CA THR A 115 -6.70 -16.53 2.28
C THR A 115 -6.66 -17.28 0.94
N ASN A 116 -7.75 -17.22 0.18
CA ASN A 116 -7.79 -17.98 -1.07
C ASN A 116 -6.86 -17.39 -2.13
N SER A 117 -6.79 -16.05 -2.21
CA SER A 117 -5.86 -15.44 -3.15
C SER A 117 -4.42 -15.77 -2.80
N LEU A 118 -4.10 -15.72 -1.50
CA LEU A 118 -2.74 -16.04 -1.05
C LEU A 118 -2.34 -17.46 -1.41
N ARG A 119 -3.26 -18.42 -1.22
CA ARG A 119 -2.98 -19.80 -1.63
C ARG A 119 -2.71 -19.88 -3.12
N MET A 120 -3.51 -19.18 -3.92
CA MET A 120 -3.33 -19.24 -5.37
C MET A 120 -1.99 -18.63 -5.76
N LEU A 121 -1.57 -17.54 -5.08
CA LEU A 121 -0.25 -16.98 -5.35
C LEU A 121 0.85 -17.95 -4.96
N GLN A 122 0.70 -18.60 -3.80
CA GLN A 122 1.69 -19.59 -3.36
C GLN A 122 1.80 -20.74 -4.34
N GLN A 123 0.67 -21.14 -4.94
CA GLN A 123 0.62 -22.19 -5.94
C GLN A 123 1.14 -21.74 -7.31
N LYS A 124 1.43 -20.45 -7.46
CA LYS A 124 1.83 -19.84 -8.73
C LYS A 124 0.78 -20.07 -9.82
N ARG A 125 -0.49 -20.02 -9.43
CA ARG A 125 -1.60 -20.06 -10.37
C ARG A 125 -2.01 -18.62 -10.65
N TRP A 126 -1.26 -17.96 -11.53
CA TRP A 126 -1.32 -16.50 -11.62
C TRP A 126 -2.64 -15.99 -12.18
N ASP A 127 -3.14 -16.62 -13.25
CA ASP A 127 -4.40 -16.16 -13.82
C ASP A 127 -5.55 -16.40 -12.85
N GLU A 128 -5.51 -17.53 -12.15
CA GLU A 128 -6.54 -17.84 -11.16
C GLU A 128 -6.49 -16.85 -10.01
N ALA A 129 -5.28 -16.56 -9.52
CA ALA A 129 -5.12 -15.58 -8.44
C ALA A 129 -5.64 -14.22 -8.87
N ALA A 130 -5.35 -13.82 -10.11
CA ALA A 130 -5.81 -12.52 -10.59
C ALA A 130 -7.33 -12.43 -10.58
N VAL A 131 -8.01 -13.49 -11.01
CA VAL A 131 -9.46 -13.52 -10.99
C VAL A 131 -9.97 -13.41 -9.57
N ASN A 132 -9.32 -14.10 -8.63
CA ASN A 132 -9.81 -14.12 -7.25
C ASN A 132 -9.60 -12.78 -6.56
N LEU A 133 -8.45 -12.14 -6.83
CA LEU A 133 -8.13 -10.86 -6.21
C LEU A 133 -9.14 -9.78 -6.58
N ALA A 134 -9.69 -9.85 -7.79
CA ALA A 134 -10.63 -8.81 -8.24
C ALA A 134 -12.00 -8.95 -7.59
N LYS A 135 -12.29 -10.09 -6.97
CA LYS A 135 -13.55 -10.33 -6.27
C LYS A 135 -13.46 -9.78 -4.85
N SER A 136 -13.33 -8.46 -4.75
CA SER A 136 -13.01 -7.85 -3.47
C SER A 136 -13.56 -6.43 -3.36
N ARG A 137 -13.85 -6.00 -2.14
CA ARG A 137 -14.11 -4.59 -1.89
C ARG A 137 -12.94 -3.76 -2.40
N TRP A 138 -11.71 -4.22 -2.19
CA TRP A 138 -10.54 -3.50 -2.66
C TRP A 138 -10.64 -3.16 -4.14
N TYR A 139 -10.91 -4.17 -4.97
CA TYR A 139 -11.01 -3.91 -6.39
C TYR A 139 -12.17 -2.97 -6.70
N ASN A 140 -13.31 -3.19 -6.05
CA ASN A 140 -14.49 -2.41 -6.40
C ASN A 140 -14.31 -0.94 -6.04
N GLN A 141 -13.60 -0.64 -4.96
CA GLN A 141 -13.47 0.74 -4.52
C GLN A 141 -12.31 1.46 -5.23
N THR A 142 -11.22 0.77 -5.56
CA THR A 142 -10.12 1.37 -6.32
C THR A 142 -9.77 0.47 -7.49
N PRO A 143 -10.62 0.43 -8.52
CA PRO A 143 -10.42 -0.57 -9.59
C PRO A 143 -9.22 -0.29 -10.48
N ASN A 144 -8.92 0.97 -10.81
CA ASN A 144 -7.77 1.20 -11.68
C ASN A 144 -6.46 0.83 -11.01
N ARG A 145 -6.31 1.16 -9.73
CA ARG A 145 -5.10 0.79 -9.00
C ARG A 145 -5.04 -0.71 -8.80
N ALA A 146 -6.16 -1.32 -8.41
CA ALA A 146 -6.18 -2.76 -8.21
C ALA A 146 -5.85 -3.49 -9.51
N LYS A 147 -6.34 -2.98 -10.65
CA LYS A 147 -6.03 -3.59 -11.94
C LYS A 147 -4.51 -3.60 -12.19
N ARG A 148 -3.84 -2.48 -11.85
CA ARG A 148 -2.39 -2.41 -12.02
C ARG A 148 -1.67 -3.42 -11.11
N VAL A 149 -2.09 -3.50 -9.85
CA VAL A 149 -1.45 -4.41 -8.91
C VAL A 149 -1.69 -5.85 -9.35
N ILE A 150 -2.93 -6.17 -9.74
CA ILE A 150 -3.27 -7.53 -10.16
C ILE A 150 -2.50 -7.91 -11.43
N THR A 151 -2.39 -6.99 -12.41
CA THR A 151 -1.59 -7.28 -13.59
C THR A 151 -0.16 -7.61 -13.20
N THR A 152 0.36 -6.92 -12.19
CA THR A 152 1.71 -7.18 -11.72
C THR A 152 1.82 -8.61 -11.16
N PHE A 153 0.81 -9.03 -10.39
CA PHE A 153 0.77 -10.42 -9.92
C PHE A 153 0.58 -11.40 -11.09
N ARG A 154 -0.27 -11.06 -12.06
CA ARG A 154 -0.56 -11.99 -13.13
C ARG A 154 0.69 -12.28 -13.98
N THR A 155 1.43 -11.22 -14.33
CA THR A 155 2.48 -11.33 -15.33
C THR A 155 3.88 -11.39 -14.74
N GLY A 156 4.09 -10.88 -13.53
CA GLY A 156 5.44 -10.78 -13.00
C GLY A 156 6.28 -9.74 -13.70
N THR A 157 5.64 -8.79 -14.39
CA THR A 157 6.31 -7.70 -15.09
C THR A 157 5.76 -6.38 -14.58
N TRP A 158 6.41 -5.30 -15.02
CA TRP A 158 5.97 -3.93 -14.73
C TRP A 158 5.11 -3.33 -15.82
N ASP A 159 4.46 -4.17 -16.65
CA ASP A 159 3.75 -3.66 -17.81
C ASP A 159 2.68 -2.62 -17.44
N ALA A 160 2.04 -2.78 -16.29
CA ALA A 160 0.95 -1.87 -15.91
C ALA A 160 1.44 -0.51 -15.44
N TYR A 161 2.75 -0.33 -15.22
CA TYR A 161 3.30 0.92 -14.73
C TYR A 161 4.19 1.63 -15.75
N LYS A 162 4.22 1.16 -16.99
CA LYS A 162 5.04 1.83 -18.01
C LYS A 162 4.17 2.54 -19.04
#